data_2REI
#
_entry.id   2REI
#
_cell.length_a   51.880
_cell.length_b   51.880
_cell.length_c   215.500
_cell.angle_alpha   90.00
_cell.angle_beta   90.00
_cell.angle_gamma   120.00
#
_symmetry.space_group_name_H-M   'P 65'
#
loop_
_entity.id
_entity.type
_entity.pdbx_description
1 polymer 'Ephrin type-A receptor 7'
2 non-polymer (4S)-2-METHYL-2,4-PENTANEDIOL
3 water water
#
_entity_poly.entity_id   1
_entity_poly.type   'polypeptide(L)'
_entity_poly.pdbx_seq_one_letter_code
;MQEGDEELYFHFKFPGTKTYIDPETYEDPNRAVHQFAKELDASCIKIERVIGAGEFGEVCSGRLKLPGKRDVAVAIKTLK
VGYTEKQRRDFLCEASIMGQFDHPNVVHLEGVVTRGKPVMIVIEFMENGALDAFLRKHDGQFTVIQLVGMLRGIAAGMRY
LADMGYVHRDLAARNILVNSNLVCKVSDFGLSRVIEDDPEAVYTTTGGKIPVRWTAPEAIQYRKFTSASDVWSYGIVMWE
VMSYGERPYWDMSNQDVIKAIEEGYRLPAPMDCPAGLHQLMLDCWQKERAERPKFEQIVGILDKMIRNPNSAHHHHHH
;
_entity_poly.pdbx_strand_id   A
#
loop_
_chem_comp.id
_chem_comp.type
_chem_comp.name
_chem_comp.formula
MPD non-polymer (4S)-2-METHYL-2,4-PENTANEDIOL 'C6 H14 O2'
#
# COMPACT_ATOMS: atom_id res chain seq x y z
N THR A 19 15.25 1.84 -12.19
CA THR A 19 14.15 2.84 -12.26
C THR A 19 12.84 2.21 -12.77
N TYR A 20 11.71 2.71 -12.28
CA TYR A 20 10.39 2.23 -12.68
C TYR A 20 10.11 2.42 -14.17
N ILE A 21 9.69 1.34 -14.82
CA ILE A 21 9.21 1.38 -16.21
C ILE A 21 7.70 1.14 -16.19
N ASP A 22 6.93 2.10 -16.69
CA ASP A 22 5.48 1.93 -16.81
C ASP A 22 5.22 0.90 -17.92
N PRO A 23 4.63 -0.27 -17.54
CA PRO A 23 4.42 -1.36 -18.52
C PRO A 23 3.45 -1.00 -19.65
N GLU A 24 2.67 0.06 -19.45
CA GLU A 24 1.75 0.54 -20.47
C GLU A 24 2.44 1.41 -21.53
N THR A 25 3.76 1.52 -21.43
CA THR A 25 4.57 2.14 -22.50
C THR A 25 4.97 1.07 -23.54
N TYR A 26 4.85 -0.20 -23.15
CA TYR A 26 5.05 -1.33 -24.05
C TYR A 26 3.88 -1.44 -25.03
N GLU A 27 4.20 -1.67 -26.31
CA GLU A 27 3.19 -1.91 -27.33
C GLU A 27 2.37 -3.14 -26.98
N ASP A 28 3.06 -4.19 -26.51
CA ASP A 28 2.41 -5.39 -25.98
C ASP A 28 2.69 -5.48 -24.49
N PRO A 29 1.67 -5.18 -23.65
CA PRO A 29 1.84 -5.17 -22.20
C PRO A 29 2.10 -6.56 -21.61
N ASN A 30 1.62 -7.59 -22.30
CA ASN A 30 1.92 -8.98 -21.96
C ASN A 30 3.42 -9.27 -21.95
N ARG A 31 4.17 -8.59 -22.82
CA ARG A 31 5.61 -8.76 -22.91
C ARG A 31 6.34 -8.27 -21.66
N ALA A 32 5.72 -7.27 -20.99
CA ALA A 32 6.31 -6.69 -19.79
C ALA A 32 6.13 -7.63 -18.60
N VAL A 33 5.00 -8.35 -18.60
CA VAL A 33 4.74 -9.33 -17.55
C VAL A 33 5.87 -10.33 -17.58
N HIS A 34 6.21 -10.81 -18.77
CA HIS A 34 7.21 -11.86 -18.86
C HIS A 34 8.61 -11.33 -18.54
N GLN A 35 8.81 -10.03 -18.73
CA GLN A 35 10.08 -9.39 -18.43
C GLN A 35 10.31 -9.23 -16.93
N PHE A 36 9.24 -8.93 -16.17
CA PHE A 36 9.41 -8.53 -14.78
C PHE A 36 8.89 -9.52 -13.74
N ALA A 37 8.15 -10.53 -14.19
CA ALA A 37 7.51 -11.48 -13.29
C ALA A 37 7.87 -12.91 -13.68
N LYS A 38 8.38 -13.67 -12.72
CA LYS A 38 8.74 -15.08 -12.96
C LYS A 38 7.51 -15.91 -13.23
N GLU A 39 7.51 -16.69 -14.32
CA GLU A 39 6.44 -17.66 -14.53
C GLU A 39 6.61 -18.82 -13.56
N LEU A 40 5.52 -19.19 -12.90
CA LEU A 40 5.53 -20.29 -11.92
C LEU A 40 4.79 -21.50 -12.47
N ASP A 41 5.23 -22.69 -12.04
CA ASP A 41 4.52 -23.92 -12.40
C ASP A 41 3.34 -24.07 -11.44
N ALA A 42 2.14 -24.22 -12.01
CA ALA A 42 0.93 -24.29 -11.18
C ALA A 42 0.95 -25.47 -10.23
N SER A 43 1.61 -26.54 -10.61
CA SER A 43 1.69 -27.71 -9.72
C SER A 43 2.45 -27.39 -8.43
N CYS A 44 3.21 -26.29 -8.40
CA CYS A 44 4.01 -25.93 -7.21
C CYS A 44 3.25 -24.98 -6.30
N ILE A 45 2.02 -24.68 -6.67
CA ILE A 45 1.18 -23.76 -5.90
C ILE A 45 0.03 -24.52 -5.25
N LYS A 46 -0.06 -24.43 -3.93
CA LYS A 46 -1.17 -25.01 -3.20
C LYS A 46 -2.10 -23.88 -2.75
N ILE A 47 -3.37 -23.97 -3.13
CA ILE A 47 -4.38 -23.03 -2.61
C ILE A 47 -5.01 -23.65 -1.38
N GLU A 48 -4.92 -22.95 -0.26
CA GLU A 48 -5.45 -23.49 0.99
C GLU A 48 -6.80 -22.93 1.38
N ARG A 49 -6.92 -21.60 1.39
CA ARG A 49 -8.12 -20.94 1.88
C ARG A 49 -8.40 -19.65 1.14
N VAL A 50 -9.68 -19.29 1.04
CA VAL A 50 -10.07 -17.99 0.52
C VAL A 50 -9.93 -16.97 1.65
N ILE A 51 -9.19 -15.90 1.38
CA ILE A 51 -8.94 -14.85 2.39
C ILE A 51 -9.50 -13.48 2.03
N GLY A 52 -10.03 -13.35 0.81
CA GLY A 52 -10.61 -12.08 0.38
C GLY A 52 -11.23 -12.14 -1.00
N ALA A 53 -12.03 -11.12 -1.31
CA ALA A 53 -12.49 -10.91 -2.69
C ALA A 53 -11.70 -9.75 -3.29
N GLY A 54 -11.28 -9.91 -4.57
CA GLY A 54 -10.58 -8.83 -5.27
C GLY A 54 -11.44 -8.23 -6.38
N GLU A 55 -10.86 -7.22 -7.03
CA GLU A 55 -11.47 -6.61 -8.20
C GLU A 55 -11.69 -7.66 -9.31
N PHE A 56 -10.76 -8.62 -9.39
CA PHE A 56 -10.63 -9.59 -10.51
C PHE A 56 -11.02 -11.03 -10.22
N GLY A 57 -11.04 -11.38 -8.89
CA GLY A 57 -11.29 -12.76 -8.47
C GLY A 57 -10.89 -12.94 -7.02
N GLU A 58 -11.14 -14.14 -6.49
CA GLU A 58 -10.86 -14.45 -5.09
C GLU A 58 -9.37 -14.36 -4.81
N VAL A 59 -9.05 -13.95 -3.58
CA VAL A 59 -7.68 -13.94 -3.10
C VAL A 59 -7.58 -15.04 -2.04
N CYS A 60 -6.56 -15.87 -2.17
CA CYS A 60 -6.40 -17.06 -1.35
C CYS A 60 -5.07 -17.04 -0.62
N SER A 61 -4.96 -17.83 0.45
CA SER A 61 -3.65 -18.07 1.04
C SER A 61 -3.24 -19.49 0.66
N GLY A 62 -1.94 -19.74 0.72
CA GLY A 62 -1.44 -21.08 0.42
C GLY A 62 0.07 -21.15 0.50
N ARG A 63 0.65 -22.06 -0.28
CA ARG A 63 2.10 -22.18 -0.26
C ARG A 63 2.66 -22.43 -1.65
N LEU A 64 3.94 -22.10 -1.80
CA LEU A 64 4.65 -22.27 -3.05
C LEU A 64 5.91 -23.11 -2.81
N LYS A 65 6.10 -24.13 -3.66
CA LYS A 65 7.28 -24.98 -3.58
C LYS A 65 8.42 -24.43 -4.42
N LEU A 66 9.51 -24.06 -3.77
CA LEU A 66 10.72 -23.59 -4.43
C LEU A 66 11.81 -24.66 -4.38
N PRO A 67 12.62 -24.77 -5.45
CA PRO A 67 13.67 -25.79 -5.47
C PRO A 67 14.73 -25.61 -4.37
N GLY A 68 14.94 -26.65 -3.58
CA GLY A 68 15.95 -26.68 -2.51
C GLY A 68 15.52 -26.03 -1.19
N LYS A 69 14.47 -25.22 -1.25
CA LYS A 69 14.01 -24.42 -0.10
C LYS A 69 12.76 -25.02 0.56
N ARG A 70 12.55 -24.66 1.82
CA ARG A 70 11.30 -25.00 2.51
C ARG A 70 10.19 -24.23 1.80
N ASP A 71 8.96 -24.75 1.88
CA ASP A 71 7.80 -24.09 1.24
C ASP A 71 7.67 -22.64 1.74
N VAL A 72 7.34 -21.71 0.85
N VAL A 72 7.27 -21.75 0.84
CA VAL A 72 7.06 -20.35 1.31
CA VAL A 72 6.99 -20.34 1.11
C VAL A 72 5.56 -20.07 1.33
C VAL A 72 5.49 -20.16 1.35
N ALA A 73 5.11 -19.45 2.40
CA ALA A 73 3.71 -19.07 2.52
C ALA A 73 3.43 -17.91 1.57
N VAL A 74 2.31 -18.01 0.84
CA VAL A 74 1.96 -17.00 -0.17
C VAL A 74 0.50 -16.58 -0.12
N ALA A 75 0.23 -15.38 -0.63
CA ALA A 75 -1.12 -15.00 -1.01
C ALA A 75 -1.22 -15.19 -2.52
N ILE A 76 -2.37 -15.64 -2.99
CA ILE A 76 -2.57 -15.97 -4.40
C ILE A 76 -3.77 -15.17 -4.88
N LYS A 77 -3.52 -14.20 -5.75
CA LYS A 77 -4.63 -13.43 -6.36
C LYS A 77 -5.02 -14.17 -7.63
N THR A 78 -6.29 -14.58 -7.73
CA THR A 78 -6.75 -15.31 -8.90
C THR A 78 -7.43 -14.39 -9.89
N LEU A 79 -7.32 -14.73 -11.17
CA LEU A 79 -8.12 -14.07 -12.20
C LEU A 79 -9.24 -15.03 -12.55
N LYS A 80 -10.46 -14.67 -12.15
CA LYS A 80 -11.58 -15.58 -12.30
C LYS A 80 -11.78 -15.99 -13.76
N VAL A 81 -12.05 -17.28 -13.94
CA VAL A 81 -12.31 -17.88 -15.25
C VAL A 81 -13.37 -17.07 -16.01
N GLY A 82 -13.21 -16.97 -17.33
CA GLY A 82 -14.12 -16.19 -18.15
C GLY A 82 -13.62 -14.77 -18.37
N TYR A 83 -12.36 -14.53 -18.03
CA TYR A 83 -11.73 -13.24 -18.20
C TYR A 83 -11.60 -12.85 -19.67
N THR A 84 -11.74 -11.55 -19.95
CA THR A 84 -11.43 -11.01 -21.26
C THR A 84 -9.91 -10.86 -21.35
N GLU A 85 -9.42 -10.47 -22.53
CA GLU A 85 -8.01 -10.20 -22.69
C GLU A 85 -7.64 -8.90 -21.95
N LYS A 86 -8.55 -7.94 -21.97
CA LYS A 86 -8.35 -6.66 -21.27
C LYS A 86 -8.20 -6.86 -19.76
N GLN A 87 -9.08 -7.67 -19.19
CA GLN A 87 -9.00 -8.00 -17.77
C GLN A 87 -7.70 -8.70 -17.44
N ARG A 88 -7.29 -9.66 -18.28
CA ARG A 88 -6.02 -10.36 -18.07
C ARG A 88 -4.87 -9.35 -18.06
N ARG A 89 -4.90 -8.46 -19.06
CA ARG A 89 -3.90 -7.41 -19.18
C ARG A 89 -3.88 -6.50 -17.94
N ASP A 90 -5.05 -6.00 -17.55
CA ASP A 90 -5.15 -5.09 -16.42
C ASP A 90 -4.72 -5.76 -15.11
N PHE A 91 -5.15 -7.02 -14.95
CA PHE A 91 -4.79 -7.83 -13.79
C PHE A 91 -3.28 -8.03 -13.73
N LEU A 92 -2.67 -8.51 -14.82
CA LEU A 92 -1.24 -8.80 -14.81
C LEU A 92 -0.33 -7.56 -14.71
N CYS A 93 -0.86 -6.39 -15.06
N CYS A 93 -0.87 -6.40 -15.04
CA CYS A 93 -0.11 -5.13 -14.93
CA CYS A 93 -0.12 -5.15 -14.93
C CYS A 93 0.42 -4.96 -13.51
C CYS A 93 0.41 -4.95 -13.52
N GLU A 94 -0.34 -5.42 -12.52
CA GLU A 94 0.10 -5.35 -11.14
C GLU A 94 1.41 -6.09 -10.92
N ALA A 95 1.54 -7.26 -11.54
CA ALA A 95 2.75 -8.06 -11.43
C ALA A 95 3.92 -7.42 -12.17
N SER A 96 3.65 -6.81 -13.33
N SER A 96 3.66 -6.82 -13.34
CA SER A 96 4.70 -6.16 -14.13
CA SER A 96 4.70 -6.15 -14.10
C SER A 96 5.25 -4.90 -13.46
C SER A 96 5.32 -5.03 -13.30
N ILE A 97 4.47 -4.34 -12.55
CA ILE A 97 4.92 -3.22 -11.69
C ILE A 97 5.60 -3.79 -10.45
N MET A 98 4.91 -4.63 -9.69
CA MET A 98 5.46 -5.15 -8.43
C MET A 98 6.79 -5.88 -8.62
N GLY A 99 6.92 -6.58 -9.75
CA GLY A 99 8.16 -7.30 -10.09
C GLY A 99 9.39 -6.43 -10.20
N GLN A 100 9.20 -5.12 -10.37
CA GLN A 100 10.32 -4.17 -10.52
C GLN A 100 10.91 -3.71 -9.20
N PHE A 101 10.25 -4.06 -8.09
CA PHE A 101 10.62 -3.52 -6.78
C PHE A 101 11.26 -4.56 -5.87
N ASP A 102 12.16 -4.09 -5.01
CA ASP A 102 12.78 -4.93 -3.99
C ASP A 102 13.11 -4.08 -2.79
N HIS A 103 12.20 -4.07 -1.81
CA HIS A 103 12.42 -3.32 -0.60
C HIS A 103 11.68 -4.00 0.55
N PRO A 104 12.24 -3.98 1.77
CA PRO A 104 11.59 -4.62 2.93
C PRO A 104 10.15 -4.17 3.21
N ASN A 105 9.79 -2.97 2.79
CA ASN A 105 8.45 -2.43 3.09
C ASN A 105 7.59 -2.31 1.86
N VAL A 106 7.89 -3.11 0.84
CA VAL A 106 7.07 -3.25 -0.36
C VAL A 106 6.81 -4.73 -0.56
N VAL A 107 5.54 -5.11 -0.73
N VAL A 107 5.55 -5.11 -0.70
CA VAL A 107 5.12 -6.52 -0.86
CA VAL A 107 5.26 -6.54 -0.80
C VAL A 107 5.89 -7.20 -2.01
C VAL A 107 6.05 -7.12 -1.96
N HIS A 108 6.53 -8.33 -1.71
CA HIS A 108 7.36 -9.07 -2.66
C HIS A 108 6.51 -9.95 -3.60
N LEU A 109 6.81 -9.88 -4.89
CA LEU A 109 6.20 -10.76 -5.88
C LEU A 109 6.99 -12.07 -6.02
N GLU A 110 6.32 -13.20 -5.81
CA GLU A 110 6.94 -14.50 -6.06
C GLU A 110 6.90 -14.85 -7.53
N GLY A 111 5.78 -14.58 -8.17
CA GLY A 111 5.69 -14.80 -9.61
C GLY A 111 4.25 -14.86 -10.07
N VAL A 112 4.06 -15.40 -11.27
CA VAL A 112 2.76 -15.37 -11.92
C VAL A 112 2.50 -16.65 -12.67
N VAL A 113 1.22 -16.94 -12.93
CA VAL A 113 0.84 -17.98 -13.89
C VAL A 113 -0.02 -17.26 -14.94
N THR A 114 0.44 -17.25 -16.19
CA THR A 114 -0.16 -16.36 -17.19
C THR A 114 -0.85 -17.09 -18.37
N ARG A 115 -0.46 -18.33 -18.63
CA ARG A 115 -1.02 -19.14 -19.72
C ARG A 115 -1.01 -20.61 -19.36
N GLY A 116 -1.93 -21.38 -19.95
CA GLY A 116 -1.92 -22.82 -19.84
C GLY A 116 -2.53 -23.40 -18.59
N LYS A 117 -2.62 -22.56 -17.56
CA LYS A 117 -3.14 -22.93 -16.24
C LYS A 117 -3.92 -21.74 -15.69
N PRO A 118 -4.70 -21.95 -14.61
CA PRO A 118 -5.47 -20.83 -14.06
C PRO A 118 -4.59 -19.62 -13.75
N VAL A 119 -5.00 -18.44 -14.21
CA VAL A 119 -4.14 -17.26 -14.13
C VAL A 119 -4.08 -16.72 -12.70
N MET A 120 -2.87 -16.40 -12.24
CA MET A 120 -2.62 -16.02 -10.83
C MET A 120 -1.46 -15.07 -10.67
N ILE A 121 -1.52 -14.25 -9.62
CA ILE A 121 -0.36 -13.49 -9.14
C ILE A 121 -0.06 -13.99 -7.73
N VAL A 122 1.19 -14.37 -7.49
CA VAL A 122 1.57 -15.01 -6.25
C VAL A 122 2.51 -14.08 -5.52
N ILE A 123 2.13 -13.70 -4.29
N ILE A 123 2.11 -13.67 -4.31
CA ILE A 123 2.78 -12.66 -3.53
CA ILE A 123 2.87 -12.70 -3.55
C ILE A 123 3.13 -13.18 -2.14
C ILE A 123 3.20 -13.26 -2.17
N GLU A 124 4.13 -12.60 -1.48
CA GLU A 124 4.45 -12.99 -0.11
C GLU A 124 3.19 -12.91 0.79
N PHE A 125 3.05 -13.87 1.69
CA PHE A 125 1.87 -13.92 2.54
C PHE A 125 2.03 -12.94 3.68
N MET A 126 1.01 -12.12 3.90
CA MET A 126 1.03 -11.15 4.99
C MET A 126 -0.07 -11.58 5.97
N GLU A 127 0.30 -12.36 6.98
N GLU A 127 0.36 -12.29 7.01
CA GLU A 127 -0.71 -13.06 7.79
CA GLU A 127 -0.49 -13.04 7.95
C GLU A 127 -1.75 -12.11 8.38
C GLU A 127 -1.55 -12.22 8.68
N ASN A 128 -1.30 -10.92 8.80
CA ASN A 128 -2.20 -10.04 9.54
C ASN A 128 -3.07 -9.16 8.65
N GLY A 129 -2.93 -9.31 7.34
CA GLY A 129 -3.87 -8.69 6.40
C GLY A 129 -3.73 -7.19 6.33
N ALA A 130 -4.83 -6.54 5.94
CA ALA A 130 -4.84 -5.09 5.73
C ALA A 130 -4.70 -4.36 7.06
N LEU A 131 -3.91 -3.29 7.05
CA LEU A 131 -3.60 -2.54 8.26
C LEU A 131 -4.80 -1.90 8.95
N ASP A 132 -5.75 -1.37 8.18
CA ASP A 132 -6.90 -0.69 8.83
C ASP A 132 -7.71 -1.70 9.64
N ALA A 133 -8.02 -2.85 9.03
CA ALA A 133 -8.76 -3.91 9.74
C ALA A 133 -7.97 -4.46 10.94
N PHE A 134 -6.65 -4.60 10.77
CA PHE A 134 -5.77 -5.10 11.83
C PHE A 134 -5.82 -4.18 13.02
N LEU A 135 -5.69 -2.88 12.76
CA LEU A 135 -5.70 -1.95 13.89
C LEU A 135 -7.06 -1.85 14.57
N ARG A 136 -8.14 -1.99 13.80
CA ARG A 136 -9.48 -1.99 14.41
C ARG A 136 -9.65 -3.17 15.37
N LYS A 137 -9.10 -4.32 14.98
CA LYS A 137 -9.17 -5.52 15.81
C LYS A 137 -8.32 -5.34 17.09
N HIS A 138 -7.20 -4.64 16.94
CA HIS A 138 -6.26 -4.46 18.04
C HIS A 138 -6.32 -3.04 18.59
N ASP A 139 -7.52 -2.45 18.57
CA ASP A 139 -7.71 -1.07 19.02
C ASP A 139 -7.18 -0.90 20.45
N GLY A 140 -6.32 0.10 20.64
CA GLY A 140 -5.74 0.41 21.93
C GLY A 140 -4.67 -0.56 22.43
N GLN A 141 -4.13 -1.39 21.55
CA GLN A 141 -3.15 -2.38 22.00
C GLN A 141 -1.71 -2.08 21.60
N PHE A 142 -1.48 -0.98 20.90
CA PHE A 142 -0.12 -0.61 20.50
C PHE A 142 0.29 0.74 21.07
N THR A 143 1.52 0.81 21.56
CA THR A 143 2.02 2.07 22.09
C THR A 143 2.28 3.05 20.95
N VAL A 144 2.39 4.33 21.28
CA VAL A 144 2.74 5.34 20.28
C VAL A 144 4.02 4.93 19.55
N ILE A 145 5.05 4.51 20.29
CA ILE A 145 6.30 4.12 19.63
C ILE A 145 6.14 2.92 18.67
N GLN A 146 5.28 1.95 19.02
CA GLN A 146 4.97 0.84 18.13
C GLN A 146 4.25 1.31 16.86
N LEU A 147 3.27 2.19 17.04
CA LEU A 147 2.53 2.75 15.92
C LEU A 147 3.45 3.59 15.04
N VAL A 148 4.31 4.37 15.67
CA VAL A 148 5.28 5.15 14.89
C VAL A 148 6.22 4.21 14.10
N GLY A 149 6.57 3.06 14.67
CA GLY A 149 7.41 2.08 13.95
C GLY A 149 6.72 1.61 12.69
N MET A 150 5.41 1.37 12.79
CA MET A 150 4.61 0.98 11.60
C MET A 150 4.62 2.07 10.54
N LEU A 151 4.39 3.31 10.99
CA LEU A 151 4.41 4.46 10.08
C LEU A 151 5.78 4.65 9.44
N ARG A 152 6.84 4.37 10.19
CA ARG A 152 8.18 4.53 9.65
C ARG A 152 8.45 3.51 8.55
N GLY A 153 7.97 2.29 8.74
CA GLY A 153 8.08 1.24 7.71
C GLY A 153 7.37 1.65 6.43
N ILE A 154 6.14 2.15 6.58
CA ILE A 154 5.36 2.55 5.42
C ILE A 154 6.08 3.71 4.72
N ALA A 155 6.60 4.65 5.50
CA ALA A 155 7.34 5.78 4.90
C ALA A 155 8.60 5.35 4.17
N ALA A 156 9.31 4.36 4.72
CA ALA A 156 10.50 3.82 4.07
C ALA A 156 10.14 3.12 2.73
N GLY A 157 9.05 2.36 2.72
CA GLY A 157 8.55 1.78 1.46
C GLY A 157 8.22 2.87 0.44
N MET A 158 7.53 3.90 0.88
CA MET A 158 7.15 4.99 -0.02
C MET A 158 8.35 5.79 -0.48
N ARG A 159 9.33 5.97 0.41
CA ARG A 159 10.56 6.66 0.00
C ARG A 159 11.24 5.90 -1.15
N TYR A 160 11.28 4.58 -1.01
CA TYR A 160 11.86 3.72 -2.04
C TYR A 160 11.10 3.86 -3.35
N LEU A 161 9.77 3.73 -3.29
CA LEU A 161 8.93 3.86 -4.49
C LEU A 161 9.08 5.22 -5.16
N ALA A 162 9.07 6.30 -4.37
CA ALA A 162 9.18 7.64 -4.95
C ALA A 162 10.51 7.79 -5.65
N ASP A 163 11.55 7.20 -5.05
CA ASP A 163 12.90 7.29 -5.63
C ASP A 163 13.01 6.48 -6.92
N MET A 164 12.18 5.44 -7.03
CA MET A 164 12.13 4.62 -8.26
C MET A 164 11.30 5.32 -9.34
N GLY A 165 10.65 6.42 -8.99
CA GLY A 165 9.81 7.16 -9.91
C GLY A 165 8.39 6.64 -9.99
N TYR A 166 7.96 5.90 -8.97
CA TYR A 166 6.63 5.34 -8.95
C TYR A 166 5.67 6.15 -8.07
N VAL A 167 4.56 6.58 -8.67
CA VAL A 167 3.49 7.27 -7.93
C VAL A 167 2.38 6.26 -7.68
N HIS A 168 2.01 6.09 -6.42
CA HIS A 168 1.10 5.01 -6.03
C HIS A 168 -0.37 5.31 -6.39
N ARG A 169 -0.83 6.51 -6.00
N ARG A 169 -0.79 6.55 -6.06
CA ARG A 169 -2.20 7.01 -6.23
CA ARG A 169 -2.11 7.14 -6.43
C ARG A 169 -3.27 6.48 -5.28
C ARG A 169 -3.26 6.68 -5.55
N ASP A 170 -3.08 5.28 -4.71
N ASP A 170 -2.99 5.61 -4.78
CA ASP A 170 -4.12 4.70 -3.87
CA ASP A 170 -4.02 4.88 -4.02
C ASP A 170 -3.53 4.35 -2.53
C ASP A 170 -3.64 4.53 -2.57
N LEU A 171 -2.67 5.23 -2.00
CA LEU A 171 -2.11 4.93 -0.67
C LEU A 171 -3.17 5.19 0.40
N ALA A 172 -3.42 4.14 1.18
CA ALA A 172 -4.46 4.11 2.22
C ALA A 172 -4.14 2.95 3.13
N ALA A 173 -4.61 3.00 4.38
CA ALA A 173 -4.29 1.89 5.28
C ALA A 173 -4.79 0.55 4.81
N ARG A 174 -5.92 0.56 4.07
CA ARG A 174 -6.44 -0.69 3.52
C ARG A 174 -5.50 -1.34 2.50
N ASN A 175 -4.59 -0.53 1.93
CA ASN A 175 -3.59 -1.01 0.96
C ASN A 175 -2.20 -1.25 1.53
N ILE A 176 -2.11 -1.22 2.85
CA ILE A 176 -0.89 -1.56 3.56
C ILE A 176 -1.14 -2.92 4.18
N LEU A 177 -0.22 -3.87 3.98
CA LEU A 177 -0.39 -5.20 4.57
C LEU A 177 0.58 -5.41 5.72
N VAL A 178 0.19 -6.30 6.62
CA VAL A 178 0.96 -6.49 7.85
C VAL A 178 1.29 -7.97 7.98
N ASN A 179 2.57 -8.30 8.18
CA ASN A 179 2.96 -9.71 8.37
C ASN A 179 2.97 -10.15 9.82
N SER A 180 3.38 -11.40 10.05
CA SER A 180 3.36 -11.97 11.40
C SER A 180 4.35 -11.30 12.35
N ASN A 181 5.35 -10.61 11.80
CA ASN A 181 6.30 -9.84 12.60
C ASN A 181 5.90 -8.39 12.74
N LEU A 182 4.69 -8.07 12.28
CA LEU A 182 4.12 -6.72 12.36
C LEU A 182 4.80 -5.70 11.44
N VAL A 183 5.54 -6.21 10.45
CA VAL A 183 6.12 -5.36 9.44
C VAL A 183 5.02 -4.91 8.47
N CYS A 184 4.98 -3.61 8.20
CA CYS A 184 3.98 -3.02 7.31
C CYS A 184 4.59 -2.78 5.94
N LYS A 185 3.87 -3.21 4.91
CA LYS A 185 4.38 -3.12 3.54
C LYS A 185 3.36 -2.56 2.59
N VAL A 186 3.84 -1.72 1.68
CA VAL A 186 2.97 -1.13 0.67
C VAL A 186 2.54 -2.19 -0.34
N SER A 187 1.23 -2.20 -0.63
N SER A 187 1.25 -2.22 -0.65
CA SER A 187 0.64 -3.12 -1.60
CA SER A 187 0.72 -3.13 -1.67
C SER A 187 -0.29 -2.39 -2.57
C SER A 187 -0.20 -2.39 -2.65
N ASP A 188 -0.95 -3.16 -3.44
CA ASP A 188 -1.92 -2.63 -4.42
C ASP A 188 -1.25 -1.79 -5.52
N PHE A 189 -0.70 -2.49 -6.51
CA PHE A 189 0.02 -1.86 -7.61
C PHE A 189 -0.72 -1.94 -8.93
N GLY A 190 -2.01 -2.26 -8.89
CA GLY A 190 -2.84 -2.21 -10.09
C GLY A 190 -3.15 -0.76 -10.46
N LEU A 191 -3.88 -0.56 -11.55
CA LEU A 191 -4.40 0.78 -11.85
C LEU A 191 -5.92 0.75 -11.99
N PRO A 211 -11.92 6.68 -2.36
CA PRO A 211 -10.71 7.30 -2.90
C PRO A 211 -10.58 8.80 -2.58
N VAL A 212 -11.68 9.56 -2.72
CA VAL A 212 -11.65 11.01 -2.53
C VAL A 212 -10.98 11.45 -1.22
N ARG A 213 -11.38 10.84 -0.11
CA ARG A 213 -10.88 11.30 1.19
C ARG A 213 -9.43 10.97 1.49
N TRP A 214 -8.80 10.16 0.64
CA TRP A 214 -7.36 9.90 0.78
C TRP A 214 -6.51 10.71 -0.20
N THR A 215 -7.17 11.48 -1.07
CA THR A 215 -6.51 12.04 -2.25
C THR A 215 -6.23 13.55 -2.09
N ALA A 216 -5.06 14.00 -2.53
CA ALA A 216 -4.72 15.43 -2.44
C ALA A 216 -5.65 16.24 -3.31
N PRO A 217 -5.96 17.48 -2.89
CA PRO A 217 -6.89 18.31 -3.65
C PRO A 217 -6.51 18.47 -5.13
N GLU A 218 -5.21 18.68 -5.42
CA GLU A 218 -4.80 18.90 -6.81
C GLU A 218 -4.96 17.64 -7.64
N ALA A 219 -4.95 16.47 -6.98
CA ALA A 219 -5.16 15.22 -7.68
C ALA A 219 -6.64 14.97 -7.93
N ILE A 220 -7.49 15.34 -6.96
CA ILE A 220 -8.93 15.20 -7.14
C ILE A 220 -9.37 16.13 -8.26
N GLN A 221 -8.92 17.38 -8.22
CA GLN A 221 -9.49 18.39 -9.12
C GLN A 221 -8.83 18.40 -10.50
N TYR A 222 -7.51 18.25 -10.53
CA TYR A 222 -6.76 18.43 -11.78
C TYR A 222 -5.98 17.19 -12.23
N ARG A 223 -6.22 16.07 -11.54
CA ARG A 223 -5.57 14.79 -11.85
C ARG A 223 -4.04 14.90 -11.83
N LYS A 224 -3.53 15.79 -10.96
CA LYS A 224 -2.09 15.95 -10.82
C LYS A 224 -1.61 14.98 -9.74
N PHE A 225 -1.35 13.74 -10.14
CA PHE A 225 -0.86 12.73 -9.20
C PHE A 225 0.67 12.72 -9.27
N THR A 226 1.27 12.89 -8.09
CA THR A 226 2.72 12.95 -7.97
C THR A 226 3.09 12.29 -6.63
N SER A 227 4.40 12.19 -6.37
CA SER A 227 4.78 11.73 -5.02
C SER A 227 4.36 12.73 -3.93
N ALA A 228 4.16 14.01 -4.29
CA ALA A 228 3.67 14.98 -3.33
C ALA A 228 2.19 14.75 -3.02
N SER A 229 1.41 14.27 -3.99
CA SER A 229 0.04 13.88 -3.64
C SER A 229 0.05 12.56 -2.85
N ASP A 230 1.01 11.67 -3.13
CA ASP A 230 1.15 10.48 -2.26
C ASP A 230 1.47 10.87 -0.81
N VAL A 231 2.20 11.97 -0.61
CA VAL A 231 2.49 12.41 0.77
C VAL A 231 1.20 12.85 1.46
N TRP A 232 0.30 13.52 0.73
CA TRP A 232 -1.03 13.84 1.32
C TRP A 232 -1.71 12.55 1.81
N SER A 233 -1.75 11.54 0.92
CA SER A 233 -2.36 10.25 1.27
C SER A 233 -1.66 9.65 2.48
N TYR A 234 -0.33 9.75 2.50
CA TYR A 234 0.44 9.24 3.64
C TYR A 234 -0.03 9.89 4.97
N GLY A 235 -0.28 11.20 4.92
CA GLY A 235 -0.82 11.90 6.10
C GLY A 235 -2.13 11.27 6.56
N ILE A 236 -3.01 10.98 5.61
CA ILE A 236 -4.28 10.29 5.96
C ILE A 236 -3.98 8.92 6.59
N VAL A 237 -3.03 8.18 6.00
CA VAL A 237 -2.63 6.88 6.58
C VAL A 237 -2.16 7.09 8.03
N MET A 238 -1.37 8.13 8.28
CA MET A 238 -0.91 8.41 9.67
C MET A 238 -2.11 8.55 10.60
N TRP A 239 -3.13 9.26 10.14
CA TRP A 239 -4.31 9.50 10.97
C TRP A 239 -5.07 8.18 11.17
N GLU A 240 -5.16 7.38 10.11
CA GLU A 240 -5.82 6.06 10.23
C GLU A 240 -5.09 5.18 11.26
N VAL A 241 -3.77 5.21 11.21
CA VAL A 241 -2.99 4.40 12.15
C VAL A 241 -3.18 4.89 13.60
N MET A 242 -3.03 6.20 13.82
CA MET A 242 -3.11 6.71 15.19
C MET A 242 -4.53 6.62 15.78
N SER A 243 -5.54 6.53 14.90
CA SER A 243 -6.93 6.34 15.31
C SER A 243 -7.35 4.86 15.39
N TYR A 244 -6.40 3.95 15.11
CA TYR A 244 -6.70 2.51 15.07
C TYR A 244 -7.82 2.21 14.09
N GLY A 245 -7.72 2.83 12.92
CA GLY A 245 -8.56 2.45 11.80
C GLY A 245 -9.93 3.12 11.74
N GLU A 246 -10.06 4.32 12.31
N GLU A 246 -10.07 4.33 12.31
CA GLU A 246 -11.25 5.11 12.06
CA GLU A 246 -11.28 5.11 12.09
C GLU A 246 -11.32 5.49 10.57
C GLU A 246 -11.32 5.55 10.62
N ARG A 247 -12.52 5.74 10.10
CA ARG A 247 -12.71 6.22 8.72
C ARG A 247 -12.32 7.70 8.67
N PRO A 248 -11.40 8.08 7.78
CA PRO A 248 -11.07 9.52 7.67
C PRO A 248 -12.35 10.33 7.42
N TYR A 249 -12.54 11.39 8.21
CA TYR A 249 -13.69 12.30 8.10
C TYR A 249 -15.01 11.62 8.45
N TRP A 250 -14.93 10.45 9.09
CA TRP A 250 -16.11 9.78 9.62
C TRP A 250 -17.19 9.66 8.56
N ASP A 251 -18.41 10.13 8.85
CA ASP A 251 -19.51 9.99 7.92
C ASP A 251 -19.74 11.15 6.97
N MET A 252 -18.79 12.09 6.91
CA MET A 252 -18.91 13.20 5.97
C MET A 252 -18.98 12.67 4.54
N SER A 253 -19.79 13.32 3.72
CA SER A 253 -19.87 13.00 2.29
C SER A 253 -18.60 13.45 1.58
N ASN A 254 -18.32 12.85 0.43
CA ASN A 254 -17.17 13.27 -0.36
C ASN A 254 -17.21 14.77 -0.65
N GLN A 255 -18.38 15.28 -1.03
CA GLN A 255 -18.47 16.70 -1.35
C GLN A 255 -18.17 17.55 -0.11
N ASP A 256 -18.64 17.12 1.05
CA ASP A 256 -18.38 17.89 2.29
C ASP A 256 -16.90 17.81 2.69
N VAL A 257 -16.25 16.68 2.41
CA VAL A 257 -14.83 16.56 2.69
C VAL A 257 -14.07 17.58 1.83
N ILE A 258 -14.41 17.61 0.54
CA ILE A 258 -13.74 18.52 -0.39
C ILE A 258 -13.89 19.97 0.07
N LYS A 259 -15.11 20.37 0.40
CA LYS A 259 -15.37 21.75 0.81
C LYS A 259 -14.66 22.07 2.11
N ALA A 260 -14.64 21.12 3.03
CA ALA A 260 -14.03 21.34 4.33
C ALA A 260 -12.54 21.57 4.14
N ILE A 261 -11.90 20.73 3.34
CA ILE A 261 -10.47 20.87 3.09
C ILE A 261 -10.19 22.27 2.46
N GLU A 262 -11.07 22.69 1.55
CA GLU A 262 -10.93 23.99 0.88
C GLU A 262 -10.98 25.18 1.84
N GLU A 263 -11.74 25.03 2.93
CA GLU A 263 -11.89 26.09 3.92
C GLU A 263 -10.77 26.06 4.97
N GLY A 264 -9.90 25.05 4.89
CA GLY A 264 -8.77 24.95 5.80
C GLY A 264 -8.96 23.91 6.90
N TYR A 265 -10.10 23.22 6.91
CA TYR A 265 -10.31 22.13 7.87
C TYR A 265 -9.26 21.06 7.68
N ARG A 266 -8.70 20.56 8.78
CA ARG A 266 -7.87 19.37 8.77
C ARG A 266 -8.27 18.48 9.95
N LEU A 267 -8.12 17.17 9.77
CA LEU A 267 -8.51 16.22 10.84
C LEU A 267 -7.70 16.48 12.10
N PRO A 268 -8.31 16.25 13.26
CA PRO A 268 -7.66 16.48 14.54
C PRO A 268 -6.72 15.35 14.95
N ALA A 269 -5.87 15.61 15.94
CA ALA A 269 -5.08 14.51 16.52
C ALA A 269 -6.01 13.47 17.14
N PRO A 270 -5.87 12.19 16.75
CA PRO A 270 -6.65 11.16 17.44
C PRO A 270 -6.32 11.04 18.92
N MET A 271 -7.15 10.33 19.66
CA MET A 271 -6.89 10.07 21.06
C MET A 271 -5.47 9.53 21.27
N ASP A 272 -4.76 10.14 22.22
CA ASP A 272 -3.39 9.72 22.60
C ASP A 272 -2.30 10.03 21.58
N CYS A 273 -2.67 10.65 20.45
CA CYS A 273 -1.69 11.03 19.45
C CYS A 273 -0.92 12.29 19.86
N PRO A 274 0.42 12.18 20.05
CA PRO A 274 1.19 13.37 20.45
C PRO A 274 1.12 14.49 19.42
N ALA A 275 1.25 15.73 19.90
CA ALA A 275 1.07 16.91 19.07
C ALA A 275 2.05 16.99 17.89
N GLY A 276 3.30 16.58 18.12
CA GLY A 276 4.33 16.63 17.06
C GLY A 276 4.03 15.71 15.90
N LEU A 277 3.47 14.54 16.21
CA LEU A 277 3.07 13.58 15.19
C LEU A 277 1.88 14.14 14.42
N HIS A 278 0.93 14.75 15.13
CA HIS A 278 -0.19 15.37 14.41
C HIS A 278 0.31 16.54 13.56
N GLN A 279 1.31 17.27 14.05
CA GLN A 279 1.88 18.36 13.24
C GLN A 279 2.47 17.81 11.94
N LEU A 280 3.05 16.61 12.00
CA LEU A 280 3.57 16.01 10.78
C LEU A 280 2.42 15.70 9.81
N MET A 281 1.28 15.24 10.33
CA MET A 281 0.09 15.06 9.48
C MET A 281 -0.29 16.38 8.80
N LEU A 282 -0.38 17.45 9.60
CA LEU A 282 -0.72 18.78 9.06
C LEU A 282 0.24 19.18 7.94
N ASP A 283 1.52 18.86 8.13
CA ASP A 283 2.53 19.18 7.11
C ASP A 283 2.27 18.37 5.81
N CYS A 284 1.89 17.11 5.95
CA CYS A 284 1.54 16.29 4.79
C CYS A 284 0.31 16.84 4.05
N TRP A 285 -0.55 17.55 4.79
CA TRP A 285 -1.78 18.11 4.24
C TRP A 285 -1.66 19.59 3.89
N GLN A 286 -0.45 20.07 3.64
CA GLN A 286 -0.32 21.45 3.17
C GLN A 286 -1.05 21.64 1.85
N LYS A 287 -1.78 22.74 1.74
CA LYS A 287 -2.53 23.06 0.53
C LYS A 287 -1.61 23.13 -0.68
N GLU A 288 -0.46 23.78 -0.50
CA GLU A 288 0.51 23.90 -1.59
C GLU A 288 1.41 22.67 -1.56
N ARG A 289 1.35 21.88 -2.63
CA ARG A 289 2.02 20.58 -2.63
C ARG A 289 3.53 20.66 -2.40
N ALA A 290 4.17 21.74 -2.87
CA ALA A 290 5.62 21.86 -2.75
C ALA A 290 6.07 22.07 -1.31
N GLU A 291 5.13 22.45 -0.45
CA GLU A 291 5.44 22.65 0.96
C GLU A 291 5.35 21.40 1.82
N ARG A 292 4.83 20.32 1.26
CA ARG A 292 4.70 19.06 1.98
C ARG A 292 6.10 18.47 2.12
N PRO A 293 6.34 17.72 3.21
CA PRO A 293 7.65 17.06 3.34
C PRO A 293 7.81 15.97 2.28
N LYS A 294 9.04 15.63 1.95
CA LYS A 294 9.31 14.48 1.10
C LYS A 294 9.36 13.24 1.99
N PHE A 295 9.23 12.07 1.37
CA PHE A 295 9.27 10.84 2.17
C PHE A 295 10.59 10.67 2.94
N GLU A 296 11.71 11.08 2.36
CA GLU A 296 12.98 11.04 3.07
C GLU A 296 12.92 11.85 4.37
N GLN A 297 12.27 13.01 4.32
CA GLN A 297 12.12 13.87 5.49
C GLN A 297 11.20 13.22 6.53
N ILE A 298 10.15 12.58 6.04
CA ILE A 298 9.18 11.91 6.93
C ILE A 298 9.90 10.81 7.70
N VAL A 299 10.66 9.99 6.98
CA VAL A 299 11.45 8.92 7.63
C VAL A 299 12.31 9.48 8.75
N GLY A 300 13.03 10.57 8.45
CA GLY A 300 13.91 11.18 9.41
C GLY A 300 13.18 11.67 10.65
N ILE A 301 12.02 12.31 10.45
CA ILE A 301 11.21 12.85 11.54
C ILE A 301 10.74 11.72 12.46
N LEU A 302 10.26 10.63 11.85
CA LEU A 302 9.77 9.51 12.65
C LEU A 302 10.90 8.81 13.38
N ASP A 303 12.06 8.70 12.75
CA ASP A 303 13.24 8.14 13.41
C ASP A 303 13.58 8.93 14.67
N LYS A 304 13.47 10.25 14.59
CA LYS A 304 13.76 11.12 15.73
C LYS A 304 12.76 10.91 16.88
N MET A 305 11.51 10.65 16.53
CA MET A 305 10.48 10.36 17.53
C MET A 305 10.70 9.00 18.19
N ILE A 306 11.22 8.03 17.43
CA ILE A 306 11.58 6.73 18.01
C ILE A 306 12.79 6.82 18.97
N ARG A 307 13.87 7.49 18.53
CA ARG A 307 15.09 7.70 19.36
C ARG A 307 14.76 8.55 20.60
N ASN A 308 13.90 9.57 20.40
CA ASN A 308 13.50 10.48 21.48
C ASN A 308 11.97 10.65 21.53
N PRO A 309 11.27 9.68 22.17
CA PRO A 309 9.80 9.63 22.16
C PRO A 309 9.13 10.86 22.76
N ASN A 310 9.79 11.49 23.73
CA ASN A 310 9.32 12.77 24.29
C ASN A 310 9.20 13.85 23.23
N SER A 311 10.08 13.81 22.22
CA SER A 311 10.07 14.81 21.15
C SER A 311 8.84 14.71 20.25
N ALA A 312 8.11 13.59 20.34
CA ALA A 312 6.86 13.41 19.60
C ALA A 312 5.79 14.41 20.05
N HIS A 313 5.97 15.02 21.22
CA HIS A 313 5.02 15.99 21.77
C HIS A 313 5.32 17.45 21.38
N HIS A 314 6.46 17.68 20.75
CA HIS A 314 6.91 19.04 20.42
C HIS A 314 6.80 19.34 18.92
C1 MPD B . 8.32 -1.64 13.37
C2 MPD B . 7.35 -2.81 13.15
O2 MPD B . 6.30 -2.40 12.23
CM MPD B . 8.16 -3.93 12.49
C3 MPD B . 6.73 -3.43 14.41
C4 MPD B . 6.12 -2.54 15.51
O4 MPD B . 6.23 -1.17 15.22
C5 MPD B . 4.67 -2.93 15.82
#